data_4BK9
#
_entry.id   4BK9
#
_cell.length_a   54.380
_cell.length_b   118.050
_cell.length_c   55.910
_cell.angle_alpha   90.00
_cell.angle_beta   109.51
_cell.angle_gamma   90.00
#
_symmetry.space_group_name_H-M   'P 1 21 1'
#
loop_
_entity.id
_entity.type
_entity.pdbx_description
1 polymer '2-DEHYDRO-3-DEOXYPHOSPHOGLUCONATE ALDOLASE/4-HYDROXY-2-OXO GLUTARATE ALDOLASE'
2 non-polymer 'SULFATE ION'
3 water water
#
_entity_poly.entity_id   1
_entity_poly.type   'polypeptide(L)'
_entity_poly.pdbx_seq_one_letter_code
;MHHHHHHMIRDIDSVMRLAPVMPVLVIEDIADAKPIAEALVAGGLNVLEVTLRTPCALEAIKIMKEVPGAVVGAGTVLNA
KMLDQAQEAGCEFFVSPGLTADLGKHAVAQKAALLPGVANAADVMLGLDLGLDRFKFFPAENIGGLPALKSMASVFRQVR
FCPTGGITPASAPKYLENPSILCVGGSWVVPAGKPDVAKITALAKEASAFKRAAVA
;
_entity_poly.pdbx_strand_id   A,B,C
#
loop_
_chem_comp.id
_chem_comp.type
_chem_comp.name
_chem_comp.formula
SO4 non-polymer 'SULFATE ION' 'O4 S -2'
#
# COMPACT_ATOMS: atom_id res chain seq x y z
N ARG A 10 -30.46 -2.49 -4.34
CA ARG A 10 -29.80 -2.78 -3.02
C ARG A 10 -28.35 -2.31 -3.02
N ASP A 11 -28.04 -1.43 -2.06
CA ASP A 11 -26.72 -0.88 -1.89
C ASP A 11 -25.74 -1.86 -1.20
N ILE A 12 -24.44 -1.54 -1.26
CA ILE A 12 -23.39 -2.50 -0.89
C ILE A 12 -23.33 -2.81 0.60
N ASP A 13 -23.73 -1.85 1.42
CA ASP A 13 -23.73 -2.07 2.85
C ASP A 13 -24.73 -3.16 3.20
N SER A 14 -25.90 -3.11 2.59
CA SER A 14 -26.89 -4.17 2.78
C SER A 14 -26.45 -5.54 2.35
N VAL A 15 -25.73 -5.62 1.25
CA VAL A 15 -25.21 -6.88 0.80
C VAL A 15 -24.25 -7.45 1.85
N MET A 16 -23.38 -6.60 2.35
CA MET A 16 -22.37 -7.02 3.33
C MET A 16 -23.01 -7.56 4.63
N ARG A 17 -24.15 -7.02 5.04
CA ARG A 17 -24.79 -7.44 6.26
C ARG A 17 -25.59 -8.73 6.12
N LEU A 18 -25.95 -9.13 4.91
CA LEU A 18 -26.75 -10.32 4.77
C LEU A 18 -26.12 -11.55 5.39
N ALA A 19 -24.82 -11.71 5.27
CA ALA A 19 -24.19 -12.94 5.72
C ALA A 19 -22.80 -12.68 6.22
N PRO A 20 -22.31 -13.52 7.14
CA PRO A 20 -21.00 -13.26 7.75
C PRO A 20 -19.84 -13.55 6.84
N VAL A 21 -20.05 -14.42 5.88
CA VAL A 21 -19.02 -14.86 4.99
C VAL A 21 -19.55 -14.71 3.58
N MET A 22 -18.71 -14.19 2.70
CA MET A 22 -19.00 -14.01 1.28
C MET A 22 -18.11 -14.99 0.52
N PRO A 23 -18.69 -16.10 -0.01
CA PRO A 23 -17.85 -17.07 -0.66
C PRO A 23 -17.29 -16.52 -1.94
N VAL A 24 -15.99 -16.75 -2.11
CA VAL A 24 -15.25 -16.31 -3.27
C VAL A 24 -15.12 -17.51 -4.20
N LEU A 25 -15.88 -17.53 -5.29
CA LEU A 25 -16.00 -18.71 -6.13
C LEU A 25 -15.18 -18.59 -7.40
N VAL A 26 -14.49 -19.68 -7.73
CA VAL A 26 -13.80 -19.77 -8.98
C VAL A 26 -14.47 -20.92 -9.65
N ILE A 27 -15.23 -20.65 -10.67
CA ILE A 27 -15.98 -21.69 -11.34
C ILE A 27 -15.27 -22.13 -12.58
N GLU A 28 -14.80 -23.37 -12.54
CA GLU A 28 -13.97 -23.89 -13.61
C GLU A 28 -14.78 -24.70 -14.61
N ASP A 29 -15.98 -25.09 -14.22
CA ASP A 29 -16.83 -25.97 -15.01
C ASP A 29 -18.26 -25.49 -14.83
N ILE A 30 -18.91 -25.04 -15.89
CA ILE A 30 -20.27 -24.49 -15.73
C ILE A 30 -21.26 -25.48 -15.12
N ALA A 31 -21.07 -26.79 -15.34
CA ALA A 31 -21.93 -27.78 -14.70
C ALA A 31 -22.00 -27.60 -13.16
N ASP A 32 -20.95 -27.01 -12.57
CA ASP A 32 -20.84 -26.88 -11.13
C ASP A 32 -21.60 -25.65 -10.54
N ALA A 33 -22.00 -24.72 -11.41
CA ALA A 33 -22.53 -23.44 -10.97
C ALA A 33 -23.81 -23.58 -10.19
N LYS A 34 -24.81 -24.26 -10.74
CA LYS A 34 -26.09 -24.44 -10.04
C LYS A 34 -25.94 -25.19 -8.71
N PRO A 35 -25.30 -26.36 -8.73
CA PRO A 35 -25.16 -27.08 -7.46
C PRO A 35 -24.42 -26.33 -6.37
N ILE A 36 -23.32 -25.66 -6.73
CA ILE A 36 -22.58 -24.84 -5.77
C ILE A 36 -23.49 -23.76 -5.17
N ALA A 37 -24.21 -23.06 -6.03
CA ALA A 37 -25.07 -21.98 -5.59
C ALA A 37 -26.23 -22.46 -4.72
N GLU A 38 -26.85 -23.56 -5.14
CA GLU A 38 -27.87 -24.18 -4.31
C GLU A 38 -27.35 -24.60 -2.95
N ALA A 39 -26.18 -25.19 -2.92
CA ALA A 39 -25.62 -25.68 -1.68
C ALA A 39 -25.31 -24.52 -0.75
N LEU A 40 -24.71 -23.47 -1.29
CA LEU A 40 -24.38 -22.33 -0.47
C LEU A 40 -25.64 -21.67 0.07
N VAL A 41 -26.66 -21.59 -0.74
CA VAL A 41 -27.85 -20.91 -0.33
C VAL A 41 -28.60 -21.75 0.72
N ALA A 42 -28.75 -23.05 0.49
CA ALA A 42 -29.28 -23.98 1.51
C ALA A 42 -28.53 -23.82 2.82
N GLY A 43 -27.23 -23.55 2.76
CA GLY A 43 -26.41 -23.41 3.96
C GLY A 43 -26.53 -22.06 4.64
N GLY A 44 -27.23 -21.11 4.02
CA GLY A 44 -27.46 -19.81 4.62
C GLY A 44 -26.48 -18.79 4.15
N LEU A 45 -25.68 -19.10 3.11
CA LEU A 45 -24.78 -18.10 2.47
C LEU A 45 -25.30 -17.65 1.09
N ASN A 46 -26.24 -16.70 1.11
CA ASN A 46 -26.93 -16.24 -0.10
C ASN A 46 -26.08 -15.35 -0.99
N VAL A 47 -25.00 -14.81 -0.48
CA VAL A 47 -24.31 -13.77 -1.21
C VAL A 47 -23.07 -14.41 -1.82
N LEU A 48 -23.02 -14.46 -3.15
CA LEU A 48 -22.02 -15.23 -3.87
C LEU A 48 -21.18 -14.33 -4.72
N GLU A 49 -19.88 -14.36 -4.53
CA GLU A 49 -18.98 -13.59 -5.40
C GLU A 49 -18.41 -14.59 -6.42
N VAL A 50 -18.78 -14.45 -7.69
CA VAL A 50 -18.19 -15.22 -8.76
C VAL A 50 -17.05 -14.41 -9.37
N THR A 51 -15.83 -14.90 -9.22
CA THR A 51 -14.67 -14.14 -9.71
C THR A 51 -14.61 -14.24 -11.21
N LEU A 52 -14.20 -13.17 -11.85
CA LEU A 52 -14.11 -13.17 -13.30
C LEU A 52 -12.71 -13.62 -13.68
N ARG A 53 -12.32 -14.79 -13.19
CA ARG A 53 -10.99 -15.34 -13.37
C ARG A 53 -10.99 -16.54 -14.32
N THR A 54 -12.17 -16.94 -14.80
CA THR A 54 -12.25 -18.11 -15.67
C THR A 54 -13.05 -17.74 -16.89
N PRO A 55 -12.87 -18.47 -17.98
CA PRO A 55 -13.60 -18.09 -19.20
C PRO A 55 -15.14 -18.26 -19.11
N CYS A 56 -15.60 -19.20 -18.32
CA CYS A 56 -17.02 -19.46 -18.22
C CYS A 56 -17.70 -18.63 -17.13
N ALA A 57 -17.05 -17.57 -16.62
CA ALA A 57 -17.55 -16.91 -15.39
C ALA A 57 -18.89 -16.16 -15.58
N LEU A 58 -19.07 -15.48 -16.70
CA LEU A 58 -20.30 -14.75 -16.94
C LEU A 58 -21.47 -15.67 -17.18
N GLU A 59 -21.27 -16.82 -17.84
CA GLU A 59 -22.33 -17.86 -17.88
C GLU A 59 -22.71 -18.35 -16.50
N ALA A 60 -21.69 -18.57 -15.67
CA ALA A 60 -21.91 -19.12 -14.38
C ALA A 60 -22.78 -18.14 -13.60
N ILE A 61 -22.48 -16.86 -13.73
CA ILE A 61 -23.23 -15.85 -13.04
C ILE A 61 -24.69 -15.94 -13.46
N LYS A 62 -24.94 -16.00 -14.77
CA LYS A 62 -26.30 -16.08 -15.32
C LYS A 62 -27.10 -17.30 -14.82
N ILE A 63 -26.38 -18.38 -14.51
CA ILE A 63 -26.96 -19.59 -13.94
C ILE A 63 -27.27 -19.42 -12.45
N MET A 64 -26.33 -18.93 -11.68
CA MET A 64 -26.50 -18.81 -10.25
C MET A 64 -27.59 -17.79 -9.94
N LYS A 65 -27.65 -16.77 -10.77
CA LYS A 65 -28.67 -15.75 -10.74
C LYS A 65 -30.12 -16.36 -10.77
N GLU A 66 -30.32 -17.46 -11.51
CA GLU A 66 -31.59 -18.19 -11.54
C GLU A 66 -31.90 -18.95 -10.24
N VAL A 67 -30.92 -19.13 -9.36
CA VAL A 67 -31.13 -19.85 -8.11
C VAL A 67 -31.87 -18.96 -7.11
N PRO A 68 -33.02 -19.42 -6.61
CA PRO A 68 -33.74 -18.53 -5.72
C PRO A 68 -32.99 -18.26 -4.43
N GLY A 69 -32.99 -16.99 -4.02
CA GLY A 69 -32.32 -16.53 -2.80
C GLY A 69 -30.88 -16.11 -3.01
N ALA A 70 -30.30 -16.45 -4.15
CA ALA A 70 -28.92 -16.17 -4.45
C ALA A 70 -28.78 -14.71 -4.76
N VAL A 71 -27.81 -14.06 -4.14
CA VAL A 71 -27.45 -12.72 -4.49
C VAL A 71 -26.06 -12.82 -5.08
N VAL A 72 -26.00 -12.70 -6.40
CA VAL A 72 -24.80 -12.97 -7.11
C VAL A 72 -24.06 -11.72 -7.53
N GLY A 73 -22.79 -11.69 -7.23
CA GLY A 73 -21.93 -10.60 -7.62
C GLY A 73 -20.72 -11.14 -8.39
N ALA A 74 -19.95 -10.21 -8.95
CA ALA A 74 -18.77 -10.51 -9.69
C ALA A 74 -17.61 -10.03 -8.89
N GLY A 75 -16.57 -10.86 -8.86
CA GLY A 75 -15.30 -10.48 -8.31
C GLY A 75 -14.28 -10.31 -9.39
N THR A 76 -13.15 -9.73 -9.03
CA THR A 76 -11.98 -9.59 -9.89
C THR A 76 -12.31 -8.70 -11.05
N VAL A 77 -13.04 -7.63 -10.70
CA VAL A 77 -13.45 -6.64 -11.65
C VAL A 77 -12.31 -5.65 -11.69
N LEU A 78 -11.55 -5.67 -12.78
CA LEU A 78 -10.37 -4.83 -12.88
C LEU A 78 -10.63 -3.45 -13.48
N ASN A 79 -11.71 -3.31 -14.24
CA ASN A 79 -11.97 -2.04 -14.91
C ASN A 79 -13.42 -1.89 -15.32
N ALA A 80 -13.72 -0.72 -15.87
CA ALA A 80 -15.09 -0.31 -16.20
C ALA A 80 -15.72 -1.21 -17.22
N LYS A 81 -14.94 -1.65 -18.20
CA LYS A 81 -15.35 -2.67 -19.17
C LYS A 81 -15.90 -3.93 -18.49
N MET A 82 -15.14 -4.46 -17.52
CA MET A 82 -15.52 -5.70 -16.88
C MET A 82 -16.72 -5.48 -16.01
N LEU A 83 -16.77 -4.33 -15.37
CA LEU A 83 -17.94 -3.96 -14.61
C LEU A 83 -19.20 -3.93 -15.47
N ASP A 84 -19.11 -3.28 -16.64
CA ASP A 84 -20.25 -3.20 -17.53
C ASP A 84 -20.70 -4.58 -17.97
N GLN A 85 -19.76 -5.47 -18.27
CA GLN A 85 -20.09 -6.83 -18.66
C GLN A 85 -20.75 -7.58 -17.52
N ALA A 86 -20.18 -7.50 -16.34
CA ALA A 86 -20.77 -8.15 -15.22
C ALA A 86 -22.16 -7.63 -14.97
N GLN A 87 -22.38 -6.34 -15.15
CA GLN A 87 -23.72 -5.79 -14.97
C GLN A 87 -24.74 -6.35 -15.98
N GLU A 88 -24.41 -6.25 -17.27
CA GLU A 88 -25.22 -6.83 -18.33
C GLU A 88 -25.65 -8.24 -17.97
N ALA A 89 -24.71 -9.01 -17.42
CA ALA A 89 -24.97 -10.40 -17.01
C ALA A 89 -25.91 -10.59 -15.79
N GLY A 90 -26.21 -9.52 -15.06
CA GLY A 90 -27.14 -9.56 -13.94
C GLY A 90 -26.56 -9.43 -12.55
N CYS A 91 -25.27 -9.17 -12.44
CA CYS A 91 -24.66 -9.01 -11.15
C CYS A 91 -25.32 -7.90 -10.35
N GLU A 92 -25.51 -8.18 -9.06
CA GLU A 92 -26.08 -7.25 -8.12
C GLU A 92 -25.06 -6.44 -7.38
N PHE A 93 -23.83 -6.92 -7.30
CA PHE A 93 -22.75 -6.13 -6.76
C PHE A 93 -21.44 -6.56 -7.39
N PHE A 94 -20.39 -5.79 -7.15
CA PHE A 94 -19.11 -5.97 -7.84
C PHE A 94 -17.99 -5.84 -6.82
N VAL A 95 -17.02 -6.75 -6.90
CA VAL A 95 -15.89 -6.66 -6.02
C VAL A 95 -14.67 -6.51 -6.90
N SER A 96 -13.76 -5.67 -6.47
CA SER A 96 -12.49 -5.53 -7.15
C SER A 96 -11.33 -5.61 -6.16
N PRO A 97 -10.13 -6.03 -6.63
CA PRO A 97 -9.01 -6.27 -5.70
C PRO A 97 -8.34 -4.97 -5.27
N GLY A 98 -8.53 -3.95 -6.07
CA GLY A 98 -8.12 -2.60 -5.71
C GLY A 98 -9.04 -1.58 -6.31
N LEU A 99 -8.70 -0.31 -6.14
CA LEU A 99 -9.55 0.78 -6.60
C LEU A 99 -8.78 1.75 -7.47
N THR A 100 -9.30 2.08 -8.63
CA THR A 100 -8.77 3.18 -9.39
C THR A 100 -9.84 4.21 -9.45
N ALA A 101 -9.43 5.45 -9.71
CA ALA A 101 -10.37 6.54 -9.85
C ALA A 101 -11.35 6.25 -10.98
N ASP A 102 -10.84 5.75 -12.10
CA ASP A 102 -11.72 5.32 -13.19
C ASP A 102 -12.82 4.26 -12.83
N LEU A 103 -12.43 3.18 -12.16
CA LEU A 103 -13.38 2.15 -11.89
C LEU A 103 -14.40 2.75 -10.93
N GLY A 104 -13.91 3.48 -9.93
CA GLY A 104 -14.78 4.15 -8.98
C GLY A 104 -15.79 5.16 -9.56
N LYS A 105 -15.31 6.08 -10.36
CA LYS A 105 -16.19 7.10 -10.95
C LYS A 105 -17.25 6.45 -11.76
N HIS A 106 -16.87 5.37 -12.47
CA HIS A 106 -17.80 4.58 -13.30
C HIS A 106 -18.85 3.81 -12.46
N ALA A 107 -18.42 3.12 -11.43
CA ALA A 107 -19.37 2.45 -10.56
C ALA A 107 -20.39 3.46 -10.01
N VAL A 108 -19.90 4.58 -9.47
CA VAL A 108 -20.79 5.57 -8.89
C VAL A 108 -21.78 6.08 -9.93
N ALA A 109 -21.26 6.51 -11.09
CA ALA A 109 -22.07 6.97 -12.19
C ALA A 109 -23.14 5.99 -12.57
N GLN A 110 -22.79 4.71 -12.57
CA GLN A 110 -23.65 3.62 -12.97
C GLN A 110 -24.56 3.10 -11.85
N LYS A 111 -24.52 3.72 -10.67
CA LYS A 111 -25.22 3.22 -9.48
C LYS A 111 -24.93 1.73 -9.18
N ALA A 112 -23.70 1.31 -9.42
CA ALA A 112 -23.32 -0.07 -9.21
C ALA A 112 -22.77 -0.25 -7.80
N ALA A 113 -23.24 -1.27 -7.12
CA ALA A 113 -22.82 -1.56 -5.78
C ALA A 113 -21.43 -2.16 -5.85
N LEU A 114 -20.42 -1.31 -5.84
CA LEU A 114 -19.03 -1.73 -5.91
C LEU A 114 -18.47 -1.80 -4.51
N LEU A 115 -17.74 -2.88 -4.26
CA LEU A 115 -17.03 -3.13 -3.05
C LEU A 115 -15.56 -3.24 -3.44
N PRO A 116 -14.83 -2.12 -3.48
CA PRO A 116 -13.47 -2.20 -3.96
C PRO A 116 -12.45 -2.51 -2.90
N GLY A 117 -11.37 -3.13 -3.35
CA GLY A 117 -10.27 -3.43 -2.48
C GLY A 117 -9.50 -2.19 -2.08
N VAL A 118 -9.08 -2.17 -0.83
CA VAL A 118 -8.12 -1.21 -0.34
C VAL A 118 -7.01 -1.93 0.36
N ALA A 119 -5.84 -1.32 0.34
CA ALA A 119 -4.70 -1.89 1.08
C ALA A 119 -4.07 -0.85 1.98
N ASN A 120 -4.38 0.42 1.83
CA ASN A 120 -3.80 1.44 2.69
C ASN A 120 -4.66 2.69 2.74
N ALA A 121 -4.26 3.69 3.50
CA ALA A 121 -5.12 4.85 3.73
C ALA A 121 -5.40 5.66 2.47
N ALA A 122 -4.45 5.75 1.57
CA ALA A 122 -4.68 6.54 0.38
C ALA A 122 -5.80 5.90 -0.46
N ASP A 123 -5.86 4.56 -0.44
CA ASP A 123 -6.85 3.85 -1.19
C ASP A 123 -8.21 4.19 -0.59
N VAL A 124 -8.32 4.15 0.72
CA VAL A 124 -9.58 4.44 1.36
C VAL A 124 -9.95 5.89 1.09
N MET A 125 -8.98 6.79 1.17
CA MET A 125 -9.26 8.18 1.00
C MET A 125 -9.79 8.49 -0.41
N LEU A 126 -9.27 7.78 -1.39
CA LEU A 126 -9.72 7.93 -2.78
C LEU A 126 -11.18 7.41 -2.87
N GLY A 127 -11.42 6.28 -2.22
CA GLY A 127 -12.78 5.76 -2.09
C GLY A 127 -13.73 6.80 -1.53
N LEU A 128 -13.37 7.37 -0.37
CA LEU A 128 -14.22 8.34 0.33
C LEU A 128 -14.49 9.51 -0.57
N ASP A 129 -13.49 9.97 -1.31
CA ASP A 129 -13.67 11.10 -2.25
C ASP A 129 -14.68 10.86 -3.36
N LEU A 130 -14.87 9.63 -3.70
CA LEU A 130 -15.76 9.23 -4.74
C LEU A 130 -17.11 8.95 -4.18
N GLY A 131 -17.26 8.94 -2.86
CA GLY A 131 -18.57 8.74 -2.24
C GLY A 131 -18.75 7.31 -1.82
N LEU A 132 -17.67 6.53 -1.74
CA LEU A 132 -17.73 5.15 -1.28
C LEU A 132 -17.24 5.03 0.15
N ASP A 133 -17.93 4.22 0.96
CA ASP A 133 -17.48 4.03 2.34
C ASP A 133 -17.48 2.58 2.82
N ARG A 134 -17.47 1.65 1.89
CA ARG A 134 -17.40 0.26 2.26
C ARG A 134 -16.34 -0.31 1.38
N PHE A 135 -15.34 -0.97 1.98
CA PHE A 135 -14.20 -1.46 1.22
C PHE A 135 -13.87 -2.87 1.61
N LYS A 136 -13.19 -3.57 0.72
CA LYS A 136 -12.67 -4.90 0.90
C LYS A 136 -11.24 -4.66 1.28
N PHE A 137 -10.76 -5.31 2.30
CA PHE A 137 -9.39 -5.16 2.69
C PHE A 137 -8.68 -6.39 2.12
N PHE A 138 -7.79 -6.17 1.17
CA PHE A 138 -7.30 -7.25 0.39
C PHE A 138 -5.89 -7.01 -0.05
N PRO A 139 -5.07 -8.09 -0.08
CA PRO A 139 -5.29 -9.41 0.49
C PRO A 139 -4.92 -9.37 1.96
N ALA A 140 -5.94 -9.52 2.80
CA ALA A 140 -5.86 -9.19 4.22
C ALA A 140 -4.64 -9.74 4.92
N GLU A 141 -4.44 -11.05 4.81
CA GLU A 141 -3.42 -11.68 5.63
C GLU A 141 -2.03 -11.35 5.14
N ASN A 142 -1.89 -10.88 3.90
CA ASN A 142 -0.57 -10.50 3.38
C ASN A 142 -0.24 -9.03 3.54
N ILE A 143 -1.18 -8.20 3.96
CA ILE A 143 -0.86 -6.79 4.13
C ILE A 143 -1.08 -6.33 5.56
N GLY A 144 -0.90 -7.20 6.55
CA GLY A 144 -0.99 -6.77 7.93
C GLY A 144 -2.07 -7.41 8.78
N GLY A 145 -3.02 -8.07 8.15
CA GLY A 145 -4.07 -8.76 8.88
C GLY A 145 -4.95 -7.89 9.76
N LEU A 146 -5.47 -8.47 10.82
CA LEU A 146 -6.39 -7.78 11.70
C LEU A 146 -5.74 -6.56 12.32
N PRO A 147 -4.53 -6.70 12.86
CA PRO A 147 -3.81 -5.51 13.39
C PRO A 147 -3.78 -4.33 12.43
N ALA A 148 -3.51 -4.57 11.15
CA ALA A 148 -3.51 -3.46 10.19
C ALA A 148 -4.91 -2.95 10.01
N LEU A 149 -5.89 -3.84 9.98
CA LEU A 149 -7.25 -3.42 9.70
C LEU A 149 -7.84 -2.61 10.84
N LYS A 150 -7.56 -3.01 12.10
CA LYS A 150 -7.86 -2.20 13.28
C LYS A 150 -7.27 -0.82 13.23
N SER A 151 -6.01 -0.69 12.84
CA SER A 151 -5.44 0.61 12.69
C SER A 151 -6.25 1.49 11.72
N MET A 152 -6.65 0.94 10.56
CA MET A 152 -7.41 1.68 9.55
C MET A 152 -8.77 2.03 10.10
N ALA A 153 -9.41 1.06 10.74
CA ALA A 153 -10.75 1.21 11.25
C ALA A 153 -10.84 2.25 12.31
N SER A 154 -9.80 2.43 13.08
CA SER A 154 -9.90 3.40 14.13
C SER A 154 -9.67 4.80 13.57
N VAL A 155 -9.02 4.89 12.40
CA VAL A 155 -8.82 6.18 11.73
C VAL A 155 -10.05 6.59 10.92
N PHE A 156 -10.63 5.65 10.19
CA PHE A 156 -11.74 5.90 9.30
C PHE A 156 -12.94 5.30 9.97
N ARG A 157 -13.54 6.10 10.82
CA ARG A 157 -14.56 5.62 11.73
C ARG A 157 -15.84 5.38 11.00
N GLN A 158 -16.03 6.10 9.89
CA GLN A 158 -17.29 6.00 9.11
C GLN A 158 -17.29 4.80 8.13
N VAL A 159 -16.18 4.11 8.01
CA VAL A 159 -15.97 3.11 7.00
C VAL A 159 -16.13 1.71 7.60
N ARG A 160 -16.62 0.78 6.79
CA ARG A 160 -16.71 -0.62 7.19
C ARG A 160 -16.07 -1.51 6.17
N PHE A 161 -15.65 -2.68 6.59
CA PHE A 161 -14.78 -3.49 5.76
C PHE A 161 -15.25 -4.89 5.59
N CYS A 162 -14.84 -5.52 4.51
CA CYS A 162 -14.84 -6.96 4.40
C CYS A 162 -13.41 -7.39 4.06
N PRO A 163 -12.69 -7.95 5.03
CA PRO A 163 -11.40 -8.53 4.71
C PRO A 163 -11.50 -9.81 3.90
N THR A 164 -10.67 -9.93 2.89
CA THR A 164 -10.50 -11.16 2.12
C THR A 164 -9.02 -11.37 1.87
N GLY A 165 -8.60 -12.63 1.82
CA GLY A 165 -7.23 -12.93 1.50
C GLY A 165 -6.58 -13.66 2.66
N GLY A 166 -6.58 -14.98 2.57
CA GLY A 166 -5.95 -15.83 3.57
C GLY A 166 -6.77 -16.08 4.83
N ILE A 167 -8.01 -15.70 4.81
CA ILE A 167 -8.85 -15.93 5.94
C ILE A 167 -9.38 -17.37 5.95
N THR A 168 -9.49 -17.93 7.15
CA THR A 168 -9.84 -19.33 7.35
C THR A 168 -11.00 -19.48 8.36
N PRO A 169 -11.53 -20.67 8.51
CA PRO A 169 -12.52 -20.79 9.55
C PRO A 169 -11.96 -20.41 10.91
N ALA A 170 -10.67 -20.59 11.14
CA ALA A 170 -10.09 -20.27 12.44
C ALA A 170 -9.94 -18.77 12.69
N SER A 171 -9.57 -18.02 11.65
CA SER A 171 -9.35 -16.58 11.81
C SER A 171 -10.62 -15.76 11.62
N ALA A 172 -11.60 -16.29 10.89
CA ALA A 172 -12.78 -15.49 10.55
C ALA A 172 -13.51 -14.94 11.77
N PRO A 173 -13.70 -15.75 12.80
CA PRO A 173 -14.43 -15.15 13.94
C PRO A 173 -13.67 -14.02 14.63
N LYS A 174 -12.34 -14.01 14.59
CA LYS A 174 -11.57 -12.88 15.16
C LYS A 174 -11.83 -11.58 14.39
N TYR A 175 -11.88 -11.65 13.07
CA TYR A 175 -12.18 -10.46 12.27
C TYR A 175 -13.59 -10.02 12.52
N LEU A 176 -14.48 -11.00 12.68
CA LEU A 176 -15.90 -10.70 12.82
C LEU A 176 -16.31 -10.12 14.21
N GLU A 177 -15.42 -10.26 15.20
CA GLU A 177 -15.57 -9.62 16.52
C GLU A 177 -15.42 -8.13 16.45
N ASN A 178 -14.82 -7.62 15.38
CA ASN A 178 -14.59 -6.21 15.26
C ASN A 178 -15.78 -5.60 14.58
N PRO A 179 -16.41 -4.57 15.15
CA PRO A 179 -17.67 -4.09 14.54
C PRO A 179 -17.51 -3.29 13.27
N SER A 180 -16.27 -2.93 12.93
CA SER A 180 -16.00 -2.30 11.64
C SER A 180 -16.04 -3.31 10.49
N ILE A 181 -16.07 -4.60 10.84
CA ILE A 181 -16.04 -5.63 9.84
C ILE A 181 -17.42 -6.20 9.74
N LEU A 182 -17.99 -6.11 8.55
CA LEU A 182 -19.35 -6.55 8.33
C LEU A 182 -19.41 -8.00 7.92
N CYS A 183 -18.37 -8.45 7.22
CA CYS A 183 -18.26 -9.85 6.81
C CYS A 183 -16.90 -10.11 6.32
N VAL A 184 -16.61 -11.37 6.08
CA VAL A 184 -15.33 -11.73 5.48
C VAL A 184 -15.55 -12.52 4.21
N GLY A 185 -14.60 -12.44 3.29
CA GLY A 185 -14.58 -13.28 2.14
C GLY A 185 -13.65 -14.44 2.35
N GLY A 186 -14.03 -15.58 1.77
CA GLY A 186 -13.18 -16.77 1.79
C GLY A 186 -13.55 -17.83 0.77
N SER A 187 -12.57 -18.62 0.37
CA SER A 187 -12.86 -19.71 -0.55
C SER A 187 -12.86 -21.06 0.09
N TRP A 188 -12.70 -21.14 1.40
CA TRP A 188 -12.59 -22.47 2.06
C TRP A 188 -13.88 -23.28 1.99
N VAL A 189 -14.98 -22.58 1.73
CA VAL A 189 -16.33 -23.11 1.77
C VAL A 189 -16.69 -23.94 0.55
N VAL A 190 -16.03 -23.66 -0.57
CA VAL A 190 -16.16 -24.48 -1.78
C VAL A 190 -14.76 -25.01 -2.02
N PRO A 191 -14.47 -26.17 -1.43
CA PRO A 191 -13.13 -26.75 -1.48
C PRO A 191 -12.74 -27.31 -2.85
N ALA A 192 -11.57 -27.96 -2.89
CA ALA A 192 -11.10 -28.82 -3.99
C ALA A 192 -11.40 -28.23 -5.40
N GLY A 193 -11.97 -29.07 -6.27
CA GLY A 193 -12.46 -28.59 -7.55
C GLY A 193 -13.68 -29.35 -8.02
N LYS A 194 -14.13 -30.37 -7.28
CA LYS A 194 -15.35 -31.09 -7.63
C LYS A 194 -16.38 -30.88 -6.54
N PRO A 195 -17.60 -30.43 -6.90
CA PRO A 195 -18.51 -30.03 -5.83
C PRO A 195 -19.18 -31.21 -5.08
N ASP A 196 -19.10 -31.13 -3.75
CA ASP A 196 -19.76 -32.04 -2.84
C ASP A 196 -20.85 -31.21 -2.18
N VAL A 197 -22.06 -31.28 -2.72
CA VAL A 197 -23.16 -30.46 -2.22
C VAL A 197 -23.35 -30.60 -0.69
N ALA A 198 -23.11 -31.80 -0.13
CA ALA A 198 -23.31 -32.02 1.31
C ALA A 198 -22.26 -31.29 2.14
N LYS A 199 -20.99 -31.47 1.76
CA LYS A 199 -19.84 -30.80 2.37
C LYS A 199 -19.97 -29.26 2.28
N ILE A 200 -20.43 -28.78 1.13
CA ILE A 200 -20.54 -27.34 0.92
C ILE A 200 -21.61 -26.78 1.84
N THR A 201 -22.77 -27.44 1.86
CA THR A 201 -23.87 -26.98 2.65
C THR A 201 -23.49 -26.98 4.14
N ALA A 202 -22.71 -27.98 4.58
CA ALA A 202 -22.33 -28.09 5.98
C ALA A 202 -21.34 -27.03 6.33
N LEU A 203 -20.38 -26.76 5.45
CA LEU A 203 -19.41 -25.70 5.69
C LEU A 203 -20.07 -24.33 5.69
N ALA A 204 -21.10 -24.17 4.86
CA ALA A 204 -21.86 -22.92 4.78
C ALA A 204 -22.71 -22.68 6.03
N LYS A 205 -23.32 -23.74 6.57
CA LYS A 205 -24.09 -23.64 7.80
C LYS A 205 -23.18 -23.21 8.92
N GLU A 206 -22.04 -23.86 8.99
CA GLU A 206 -21.04 -23.55 10.00
C GLU A 206 -20.72 -22.06 9.94
N ALA A 207 -20.48 -21.58 8.72
CA ALA A 207 -19.99 -20.22 8.50
C ALA A 207 -21.10 -19.22 8.65
N SER A 208 -22.33 -19.61 8.33
CA SER A 208 -23.45 -18.66 8.44
C SER A 208 -23.84 -18.38 9.91
N ALA A 209 -23.36 -19.24 10.82
CA ALA A 209 -23.60 -19.08 12.25
C ALA A 209 -22.49 -18.35 13.02
N PHE A 210 -21.46 -17.91 12.32
CA PHE A 210 -20.48 -17.02 12.92
C PHE A 210 -21.19 -15.76 13.46
N LYS A 211 -20.82 -15.41 14.70
CA LYS A 211 -21.27 -14.19 15.34
C LYS A 211 -20.49 -13.06 14.77
N ARG A 212 -21.17 -11.94 14.62
CA ARG A 212 -20.56 -10.68 14.27
C ARG A 212 -20.92 -9.61 15.27
N ALA A 213 -19.95 -8.86 15.72
CA ALA A 213 -20.22 -7.68 16.49
C ALA A 213 -21.18 -6.69 15.77
N ALA A 214 -21.03 -6.57 14.46
CA ALA A 214 -21.77 -5.57 13.68
C ALA A 214 -23.23 -5.88 13.39
N VAL A 215 -23.57 -7.14 13.42
CA VAL A 215 -24.87 -7.54 12.95
C VAL A 215 -25.39 -8.56 13.89
N ALA A 216 -26.56 -8.30 14.49
CA ALA A 216 -27.30 -9.32 15.24
C ALA A 216 -28.48 -9.89 14.45
N ARG B 10 13.76 -2.60 -27.93
CA ARG B 10 13.51 -3.79 -27.04
C ARG B 10 12.56 -3.40 -25.91
N ASP B 11 11.44 -4.12 -25.82
CA ASP B 11 10.44 -3.92 -24.78
C ASP B 11 10.86 -4.55 -23.42
N ILE B 12 10.12 -4.22 -22.37
CA ILE B 12 10.57 -4.49 -21.01
C ILE B 12 10.51 -5.97 -20.65
N ASP B 13 9.59 -6.69 -21.27
CA ASP B 13 9.46 -8.11 -21.00
C ASP B 13 10.73 -8.83 -21.44
N SER B 14 11.25 -8.45 -22.61
CA SER B 14 12.51 -9.02 -23.07
C SER B 14 13.72 -8.72 -22.19
N VAL B 15 13.78 -7.52 -21.63
CA VAL B 15 14.85 -7.13 -20.74
C VAL B 15 14.80 -8.01 -19.51
N MET B 16 13.59 -8.19 -18.99
CA MET B 16 13.40 -9.03 -17.82
C MET B 16 13.84 -10.49 -18.04
N ARG B 17 13.66 -11.03 -19.23
CA ARG B 17 14.05 -12.42 -19.53
C ARG B 17 15.56 -12.64 -19.76
N LEU B 18 16.32 -11.61 -20.07
CA LEU B 18 17.77 -11.76 -20.36
C LEU B 18 18.57 -12.37 -19.23
N ALA B 19 18.25 -12.04 -17.99
CA ALA B 19 19.03 -12.56 -16.88
C ALA B 19 18.17 -12.70 -15.64
N PRO B 20 18.54 -13.64 -14.76
CA PRO B 20 17.68 -13.96 -13.63
C PRO B 20 17.70 -12.87 -12.57
N VAL B 21 18.76 -12.08 -12.55
CA VAL B 21 18.98 -11.12 -11.53
C VAL B 21 19.36 -9.86 -12.24
N MET B 22 18.78 -8.76 -11.79
CA MET B 22 19.01 -7.44 -12.31
C MET B 22 19.74 -6.70 -11.22
N PRO B 23 21.05 -6.48 -11.37
CA PRO B 23 21.75 -5.78 -10.30
C PRO B 23 21.29 -4.33 -10.15
N VAL B 24 21.08 -3.94 -8.90
CA VAL B 24 20.66 -2.60 -8.55
C VAL B 24 21.90 -1.87 -8.04
N LEU B 25 22.40 -0.95 -8.85
CA LEU B 25 23.69 -0.33 -8.58
C LEU B 25 23.50 1.08 -8.03
N VAL B 26 24.27 1.40 -6.99
CA VAL B 26 24.37 2.75 -6.48
C VAL B 26 25.84 3.12 -6.66
N ILE B 27 26.11 4.01 -7.57
CA ILE B 27 27.48 4.29 -7.94
C ILE B 27 27.91 5.52 -7.16
N GLU B 28 28.87 5.32 -6.25
CA GLU B 28 29.25 6.36 -5.34
C GLU B 28 30.45 7.13 -5.86
N ASP B 29 31.13 6.55 -6.84
CA ASP B 29 32.36 7.08 -7.37
C ASP B 29 32.43 6.70 -8.86
N ILE B 30 32.52 7.66 -9.78
CA ILE B 30 32.54 7.33 -11.23
C ILE B 30 33.68 6.43 -11.64
N ALA B 31 34.80 6.48 -10.93
CA ALA B 31 35.90 5.54 -11.19
C ALA B 31 35.44 4.06 -11.14
N ASP B 32 34.39 3.78 -10.37
CA ASP B 32 33.91 2.40 -10.18
C ASP B 32 32.99 1.85 -11.29
N ALA B 33 32.51 2.75 -12.15
CA ALA B 33 31.48 2.40 -13.11
C ALA B 33 31.94 1.34 -14.09
N LYS B 34 33.05 1.58 -14.77
CA LYS B 34 33.52 0.65 -15.80
C LYS B 34 33.84 -0.71 -15.19
N PRO B 35 34.62 -0.73 -14.11
CA PRO B 35 34.98 -2.04 -13.55
C PRO B 35 33.79 -2.84 -13.04
N ILE B 36 32.84 -2.19 -12.38
CA ILE B 36 31.60 -2.86 -11.93
C ILE B 36 30.82 -3.46 -13.12
N ALA B 37 30.63 -2.67 -14.16
CA ALA B 37 29.94 -3.13 -15.35
C ALA B 37 30.65 -4.26 -16.07
N GLU B 38 31.95 -4.13 -16.23
CA GLU B 38 32.73 -5.21 -16.82
C GLU B 38 32.64 -6.49 -16.01
N ALA B 39 32.73 -6.36 -14.71
CA ALA B 39 32.69 -7.53 -13.85
C ALA B 39 31.31 -8.21 -13.90
N LEU B 40 30.25 -7.41 -13.87
CA LEU B 40 28.94 -7.97 -13.97
C LEU B 40 28.73 -8.66 -15.31
N VAL B 41 29.20 -8.05 -16.37
CA VAL B 41 28.93 -8.59 -17.67
C VAL B 41 29.73 -9.89 -17.88
N ALA B 42 31.02 -9.88 -17.52
CA ALA B 42 31.84 -11.10 -17.50
C ALA B 42 31.15 -12.23 -16.73
N GLY B 43 30.42 -11.87 -15.67
CA GLY B 43 29.73 -12.85 -14.85
C GLY B 43 28.40 -13.32 -15.41
N GLY B 44 27.93 -12.71 -16.48
CA GLY B 44 26.72 -13.13 -17.15
C GLY B 44 25.50 -12.40 -16.74
N LEU B 45 25.69 -11.28 -16.05
CA LEU B 45 24.60 -10.33 -15.75
C LEU B 45 24.72 -9.05 -16.58
N ASN B 46 24.23 -9.11 -17.82
CA ASN B 46 24.33 -7.99 -18.78
C ASN B 46 23.37 -6.82 -18.46
N VAL B 47 22.35 -7.03 -17.64
CA VAL B 47 21.30 -6.04 -17.50
C VAL B 47 21.54 -5.28 -16.20
N LEU B 48 21.85 -3.98 -16.30
CA LEU B 48 22.34 -3.21 -15.19
C LEU B 48 21.38 -2.09 -14.93
N GLU B 49 20.89 -2.02 -13.70
CA GLU B 49 20.07 -0.88 -13.29
C GLU B 49 20.94 0.06 -12.51
N VAL B 50 21.22 1.22 -13.08
CA VAL B 50 21.94 2.29 -12.36
C VAL B 50 20.93 3.26 -11.74
N THR B 51 20.87 3.28 -10.43
CA THR B 51 19.89 4.08 -9.74
C THR B 51 20.27 5.51 -9.85
N LEU B 52 19.28 6.36 -10.00
CA LEU B 52 19.53 7.77 -10.05
C LEU B 52 19.47 8.31 -8.61
N ARG B 53 20.31 7.76 -7.73
CA ARG B 53 20.37 8.14 -6.33
C ARG B 53 21.63 8.84 -5.92
N THR B 54 22.55 8.98 -6.84
CA THR B 54 23.76 9.71 -6.55
C THR B 54 23.92 10.74 -7.65
N PRO B 55 24.61 11.82 -7.36
CA PRO B 55 24.73 12.86 -8.39
C PRO B 55 25.50 12.39 -9.67
N CYS B 56 26.40 11.43 -9.55
CA CYS B 56 27.24 11.04 -10.68
C CYS B 56 26.56 9.94 -11.48
N ALA B 57 25.28 9.70 -11.27
CA ALA B 57 24.63 8.53 -11.88
C ALA B 57 24.50 8.58 -13.43
N LEU B 58 24.16 9.72 -14.02
CA LEU B 58 24.03 9.79 -15.44
C LEU B 58 25.37 9.64 -16.11
N GLU B 59 26.47 10.17 -15.55
CA GLU B 59 27.81 9.89 -16.11
C GLU B 59 28.09 8.40 -16.08
N ALA B 60 27.73 7.77 -14.97
CA ALA B 60 28.05 6.37 -14.77
C ALA B 60 27.33 5.58 -15.84
N ILE B 61 26.08 5.93 -16.10
CA ILE B 61 25.31 5.29 -17.14
C ILE B 61 26.05 5.41 -18.50
N LYS B 62 26.47 6.62 -18.86
CA LYS B 62 27.16 6.86 -20.12
C LYS B 62 28.43 6.04 -20.23
N ILE B 63 29.05 5.75 -19.10
CA ILE B 63 30.27 4.93 -19.06
C ILE B 63 29.96 3.44 -19.22
N MET B 64 29.00 2.94 -18.49
CA MET B 64 28.66 1.53 -18.56
C MET B 64 28.12 1.19 -19.93
N LYS B 65 27.38 2.12 -20.50
CA LYS B 65 26.83 2.03 -21.83
C LYS B 65 27.95 1.68 -22.87
N GLU B 66 29.17 2.19 -22.69
CA GLU B 66 30.31 1.87 -23.54
C GLU B 66 30.85 0.45 -23.33
N VAL B 67 30.45 -0.21 -22.26
CA VAL B 67 30.90 -1.60 -22.01
C VAL B 67 30.16 -2.60 -22.92
N PRO B 68 30.92 -3.38 -23.71
CA PRO B 68 30.22 -4.26 -24.64
C PRO B 68 29.43 -5.34 -23.94
N GLY B 69 28.18 -5.52 -24.40
CA GLY B 69 27.23 -6.49 -23.83
C GLY B 69 26.31 -5.93 -22.77
N ALA B 70 26.63 -4.74 -22.27
CA ALA B 70 25.89 -4.15 -21.14
C ALA B 70 24.57 -3.61 -21.64
N VAL B 71 23.50 -3.96 -20.96
CA VAL B 71 22.20 -3.36 -21.21
C VAL B 71 21.89 -2.52 -20.00
N VAL B 72 22.02 -1.23 -20.16
CA VAL B 72 22.01 -0.33 -19.04
C VAL B 72 20.68 0.36 -18.94
N GLY B 73 20.11 0.33 -17.74
CA GLY B 73 18.90 1.07 -17.44
C GLY B 73 19.08 1.99 -16.26
N ALA B 74 18.10 2.86 -16.03
CA ALA B 74 18.09 3.76 -14.93
C ALA B 74 17.04 3.29 -13.94
N GLY B 75 17.41 3.34 -12.68
CA GLY B 75 16.49 3.12 -11.59
C GLY B 75 16.20 4.42 -10.91
N THR B 76 15.23 4.37 -10.04
CA THR B 76 14.86 5.46 -9.16
C THR B 76 14.44 6.65 -9.98
N VAL B 77 13.70 6.32 -11.03
CA VAL B 77 13.14 7.32 -11.88
C VAL B 77 11.85 7.76 -11.23
N LEU B 78 11.81 8.95 -10.65
CA LEU B 78 10.65 9.42 -9.89
C LEU B 78 9.62 10.20 -10.72
N ASN B 79 10.04 10.70 -11.87
CA ASN B 79 9.08 11.43 -12.71
C ASN B 79 9.52 11.52 -14.13
N ALA B 80 8.69 12.17 -14.93
CA ALA B 80 8.88 12.25 -16.38
C ALA B 80 10.16 12.95 -16.75
N LYS B 81 10.48 14.01 -16.04
CA LYS B 81 11.76 14.74 -16.19
C LYS B 81 12.93 13.79 -16.10
N MET B 82 12.96 12.97 -15.07
CA MET B 82 14.08 12.10 -14.84
C MET B 82 14.14 11.04 -15.91
N LEU B 83 12.97 10.56 -16.32
CA LEU B 83 12.90 9.59 -17.38
C LEU B 83 13.48 10.19 -18.66
N ASP B 84 13.12 11.42 -18.98
CA ASP B 84 13.63 12.09 -20.19
C ASP B 84 15.14 12.23 -20.12
N GLN B 85 15.67 12.60 -18.96
CA GLN B 85 17.12 12.70 -18.79
C GLN B 85 17.79 11.36 -18.94
N ALA B 86 17.26 10.34 -18.30
CA ALA B 86 17.85 9.03 -18.38
C ALA B 86 17.84 8.54 -19.83
N GLN B 87 16.78 8.85 -20.56
CA GLN B 87 16.70 8.51 -21.98
C GLN B 87 17.79 9.16 -22.81
N GLU B 88 17.86 10.47 -22.75
CA GLU B 88 18.91 11.23 -23.41
C GLU B 88 20.27 10.62 -23.16
N ALA B 89 20.54 10.21 -21.92
CA ALA B 89 21.82 9.58 -21.51
C ALA B 89 22.09 8.20 -22.14
N GLY B 90 21.08 7.59 -22.77
CA GLY B 90 21.24 6.32 -23.45
C GLY B 90 20.60 5.12 -22.77
N CYS B 91 19.86 5.31 -21.69
CA CYS B 91 19.21 4.20 -21.02
C CYS B 91 18.26 3.45 -21.94
N GLU B 92 18.30 2.14 -21.83
CA GLU B 92 17.47 1.26 -22.61
C GLU B 92 16.18 0.90 -21.92
N PHE B 93 16.15 0.98 -20.60
CA PHE B 93 14.94 0.80 -19.86
C PHE B 93 14.99 1.61 -18.55
N PHE B 94 13.88 1.67 -17.85
CA PHE B 94 13.69 2.56 -16.73
C PHE B 94 12.93 1.83 -15.62
N VAL B 95 13.42 1.97 -14.39
CA VAL B 95 12.80 1.36 -13.27
C VAL B 95 12.42 2.48 -12.32
N SER B 96 11.23 2.40 -11.75
CA SER B 96 10.80 3.34 -10.76
C SER B 96 10.24 2.57 -9.56
N PRO B 97 10.30 3.18 -8.36
CA PRO B 97 9.99 2.44 -7.15
C PRO B 97 8.52 2.34 -7.00
N GLY B 98 7.83 3.26 -7.62
CA GLY B 98 6.38 3.25 -7.64
C GLY B 98 5.88 3.77 -8.99
N LEU B 99 4.56 3.85 -9.12
CA LEU B 99 3.99 4.31 -10.34
C LEU B 99 3.08 5.49 -10.11
N THR B 100 3.19 6.53 -10.89
CA THR B 100 2.17 7.55 -10.92
C THR B 100 1.60 7.56 -12.28
N ALA B 101 0.40 8.12 -12.41
CA ALA B 101 -0.27 8.20 -13.67
C ALA B 101 0.59 9.03 -14.59
N ASP B 102 1.15 10.12 -14.10
CA ASP B 102 2.05 10.94 -14.94
C ASP B 102 3.27 10.22 -15.52
N LEU B 103 3.98 9.48 -14.69
CA LEU B 103 5.17 8.84 -15.15
C LEU B 103 4.75 7.80 -16.16
N GLY B 104 3.70 7.05 -15.84
CA GLY B 104 3.18 6.04 -16.75
C GLY B 104 2.75 6.57 -18.11
N LYS B 105 1.93 7.62 -18.12
CA LYS B 105 1.40 8.15 -19.37
C LYS B 105 2.51 8.60 -20.25
N HIS B 106 3.54 9.16 -19.61
CA HIS B 106 4.70 9.65 -20.30
C HIS B 106 5.54 8.50 -20.88
N ALA B 107 5.80 7.47 -20.09
CA ALA B 107 6.56 6.33 -20.56
C ALA B 107 5.88 5.73 -21.77
N VAL B 108 4.58 5.51 -21.68
CA VAL B 108 3.83 4.96 -22.79
C VAL B 108 3.93 5.86 -24.02
N ALA B 109 3.63 7.13 -23.85
CA ALA B 109 3.74 8.13 -24.93
C ALA B 109 5.11 8.11 -25.61
N GLN B 110 6.16 7.95 -24.82
CA GLN B 110 7.54 8.00 -25.27
C GLN B 110 8.06 6.65 -25.74
N LYS B 111 7.21 5.62 -25.75
CA LYS B 111 7.63 4.24 -26.05
C LYS B 111 8.81 3.77 -25.19
N ALA B 112 8.85 4.20 -23.94
CA ALA B 112 9.95 3.86 -23.06
C ALA B 112 9.67 2.58 -22.30
N ALA B 113 10.65 1.71 -22.24
CA ALA B 113 10.53 0.47 -21.52
C ALA B 113 10.63 0.75 -20.05
N LEU B 114 9.48 1.04 -19.45
CA LEU B 114 9.37 1.32 -18.02
C LEU B 114 8.96 0.08 -17.27
N LEU B 115 9.62 -0.14 -16.15
CA LEU B 115 9.35 -1.22 -15.25
C LEU B 115 8.99 -0.57 -13.91
N PRO B 116 7.73 -0.25 -13.69
CA PRO B 116 7.46 0.50 -12.48
C PRO B 116 7.16 -0.34 -11.27
N GLY B 117 7.43 0.23 -10.11
CA GLY B 117 7.17 -0.45 -8.85
C GLY B 117 5.70 -0.49 -8.47
N VAL B 118 5.30 -1.63 -7.95
CA VAL B 118 3.97 -1.77 -7.36
C VAL B 118 4.08 -2.33 -5.99
N ALA B 119 3.14 -1.97 -5.15
CA ALA B 119 3.11 -2.58 -3.84
C ALA B 119 1.75 -3.21 -3.53
N ASN B 120 0.71 -2.92 -4.29
CA ASN B 120 -0.58 -3.40 -3.99
C ASN B 120 -1.47 -3.40 -5.24
N ALA B 121 -2.71 -3.87 -5.11
CA ALA B 121 -3.55 -4.08 -6.27
C ALA B 121 -3.87 -2.77 -6.98
N ALA B 122 -4.04 -1.68 -6.25
CA ALA B 122 -4.42 -0.43 -6.89
C ALA B 122 -3.31 0.04 -7.79
N ASP B 123 -2.07 -0.27 -7.42
CA ASP B 123 -0.93 0.10 -8.20
C ASP B 123 -0.93 -0.69 -9.47
N VAL B 124 -1.13 -1.99 -9.38
CA VAL B 124 -1.10 -2.83 -10.58
C VAL B 124 -2.24 -2.40 -11.49
N MET B 125 -3.41 -2.17 -10.90
CA MET B 125 -4.57 -1.79 -11.68
C MET B 125 -4.36 -0.52 -12.48
N LEU B 126 -3.70 0.45 -11.86
CA LEU B 126 -3.39 1.71 -12.56
C LEU B 126 -2.44 1.37 -13.71
N GLY B 127 -1.44 0.53 -13.43
CA GLY B 127 -0.50 0.06 -14.46
C GLY B 127 -1.23 -0.54 -15.64
N LEU B 128 -2.15 -1.46 -15.34
CA LEU B 128 -2.94 -2.14 -16.37
C LEU B 128 -3.74 -1.14 -17.17
N ASP B 129 -4.31 -0.14 -16.53
CA ASP B 129 -5.10 0.86 -17.23
C ASP B 129 -4.34 1.71 -18.19
N LEU B 130 -3.04 1.79 -17.97
CA LEU B 130 -2.15 2.53 -18.81
C LEU B 130 -1.56 1.68 -19.91
N GLY B 131 -1.79 0.39 -19.86
CA GLY B 131 -1.31 -0.48 -20.90
C GLY B 131 -0.03 -1.14 -20.52
N LEU B 132 0.31 -1.14 -19.23
CA LEU B 132 1.49 -1.82 -18.73
C LEU B 132 1.16 -3.15 -18.04
N ASP B 133 1.98 -4.18 -18.23
CA ASP B 133 1.74 -5.43 -17.56
C ASP B 133 2.95 -6.10 -17.00
N ARG B 134 4.01 -5.36 -16.77
CA ARG B 134 5.21 -5.91 -16.12
C ARG B 134 5.58 -4.92 -15.05
N PHE B 135 5.72 -5.42 -13.82
CA PHE B 135 5.93 -4.55 -12.67
C PHE B 135 7.01 -5.09 -11.79
N LYS B 136 7.62 -4.19 -11.04
CA LYS B 136 8.64 -4.45 -10.04
C LYS B 136 7.82 -4.50 -8.79
N PHE B 137 8.02 -5.49 -7.96
CA PHE B 137 7.32 -5.57 -6.69
C PHE B 137 8.28 -5.06 -5.63
N PHE B 138 7.98 -3.93 -5.01
CA PHE B 138 8.99 -3.23 -4.26
C PHE B 138 8.40 -2.53 -3.09
N PRO B 139 9.06 -2.56 -1.94
CA PRO B 139 10.24 -3.31 -1.61
C PRO B 139 9.82 -4.65 -1.07
N ALA B 140 10.11 -5.70 -1.84
CA ALA B 140 9.48 -7.00 -1.73
C ALA B 140 9.41 -7.53 -0.31
N GLU B 141 10.56 -7.59 0.34
CA GLU B 141 10.60 -8.28 1.59
C GLU B 141 9.93 -7.49 2.65
N ASN B 142 9.76 -6.20 2.46
CA ASN B 142 9.09 -5.39 3.48
C ASN B 142 7.58 -5.27 3.30
N ILE B 143 7.03 -5.72 2.18
CA ILE B 143 5.58 -5.57 1.95
C ILE B 143 4.92 -6.91 1.75
N GLY B 144 5.45 -7.96 2.37
CA GLY B 144 4.78 -9.27 2.32
C GLY B 144 5.51 -10.42 1.65
N GLY B 145 6.56 -10.10 0.91
CA GLY B 145 7.41 -11.11 0.33
C GLY B 145 6.70 -12.00 -0.67
N LEU B 146 7.22 -13.20 -0.82
CA LEU B 146 6.70 -14.08 -1.83
C LEU B 146 5.21 -14.37 -1.62
N PRO B 147 4.78 -14.66 -0.37
CA PRO B 147 3.35 -14.85 -0.10
C PRO B 147 2.46 -13.73 -0.62
N ALA B 148 2.89 -12.48 -0.45
CA ALA B 148 2.10 -11.34 -0.94
C ALA B 148 2.14 -11.32 -2.43
N LEU B 149 3.29 -11.64 -3.00
CA LEU B 149 3.42 -11.59 -4.46
C LEU B 149 2.56 -12.68 -5.12
N LYS B 150 2.55 -13.88 -4.56
CA LYS B 150 1.68 -14.94 -5.03
C LYS B 150 0.21 -14.55 -5.02
N SER B 151 -0.24 -13.87 -3.96
CA SER B 151 -1.62 -13.39 -3.89
C SER B 151 -1.92 -12.47 -5.04
N MET B 152 -0.99 -11.57 -5.37
CA MET B 152 -1.18 -10.64 -6.50
C MET B 152 -1.15 -11.36 -7.79
N ALA B 153 -0.19 -12.26 -7.93
CA ALA B 153 -0.01 -12.99 -9.16
C ALA B 153 -1.25 -13.81 -9.48
N SER B 154 -1.95 -14.31 -8.50
CA SER B 154 -3.03 -15.17 -8.79
C SER B 154 -4.27 -14.38 -9.17
N VAL B 155 -4.30 -13.12 -8.77
CA VAL B 155 -5.36 -12.22 -9.19
C VAL B 155 -5.08 -11.60 -10.56
N PHE B 156 -3.84 -11.20 -10.83
CA PHE B 156 -3.46 -10.55 -12.08
C PHE B 156 -2.64 -11.54 -12.88
N ARG B 157 -3.37 -12.36 -13.63
CA ARG B 157 -2.79 -13.55 -14.22
C ARG B 157 -1.91 -13.14 -15.38
N GLN B 158 -2.25 -12.02 -16.01
CA GLN B 158 -1.58 -11.56 -17.23
C GLN B 158 -0.32 -10.78 -16.93
N VAL B 159 -0.04 -10.56 -15.66
CA VAL B 159 1.06 -9.70 -15.20
C VAL B 159 2.28 -10.55 -14.77
N ARG B 160 3.47 -10.04 -15.01
CA ARG B 160 4.68 -10.68 -14.54
C ARG B 160 5.50 -9.70 -13.71
N PHE B 161 6.33 -10.21 -12.81
CA PHE B 161 6.95 -9.37 -11.82
C PHE B 161 8.47 -9.50 -11.79
N CYS B 162 9.12 -8.44 -11.32
CA CYS B 162 10.49 -8.55 -10.80
C CYS B 162 10.47 -8.03 -9.36
N PRO B 163 10.55 -8.93 -8.38
CA PRO B 163 10.65 -8.46 -7.02
C PRO B 163 12.01 -7.90 -6.70
N THR B 164 12.03 -6.73 -6.04
CA THR B 164 13.26 -6.14 -5.54
C THR B 164 12.98 -5.64 -4.15
N GLY B 165 14.00 -5.70 -3.28
CA GLY B 165 13.93 -5.15 -1.95
C GLY B 165 14.12 -6.28 -0.96
N GLY B 166 15.35 -6.40 -0.50
CA GLY B 166 15.67 -7.32 0.59
C GLY B 166 15.94 -8.72 0.11
N ILE B 167 16.04 -8.90 -1.19
CA ILE B 167 16.28 -10.21 -1.73
C ILE B 167 17.78 -10.55 -1.67
N THR B 168 18.07 -11.82 -1.41
CA THR B 168 19.40 -12.27 -1.15
C THR B 168 19.71 -13.49 -2.01
N PRO B 169 20.94 -13.93 -2.00
CA PRO B 169 21.19 -15.17 -2.73
C PRO B 169 20.35 -16.31 -2.20
N ALA B 170 20.03 -16.32 -0.92
CA ALA B 170 19.27 -17.42 -0.31
C ALA B 170 17.78 -17.40 -0.72
N SER B 171 17.18 -16.21 -0.82
CA SER B 171 15.77 -16.11 -1.15
C SER B 171 15.48 -16.01 -2.66
N ALA B 172 16.44 -15.56 -3.46
CA ALA B 172 16.22 -15.37 -4.88
C ALA B 172 15.72 -16.63 -5.61
N PRO B 173 16.31 -17.80 -5.34
CA PRO B 173 15.78 -18.94 -6.09
C PRO B 173 14.35 -19.28 -5.75
N LYS B 174 13.87 -19.00 -4.53
CA LYS B 174 12.46 -19.26 -4.20
C LYS B 174 11.56 -18.38 -5.05
N TYR B 175 11.95 -17.13 -5.25
CA TYR B 175 11.12 -16.22 -6.05
C TYR B 175 11.14 -16.67 -7.51
N LEU B 176 12.28 -17.16 -7.96
CA LEU B 176 12.46 -17.50 -9.36
C LEU B 176 11.80 -18.81 -9.76
N GLU B 177 11.42 -19.61 -8.76
CA GLU B 177 10.63 -20.83 -8.94
C GLU B 177 9.20 -20.52 -9.31
N ASN B 178 8.76 -19.31 -9.05
CA ASN B 178 7.42 -18.93 -9.40
C ASN B 178 7.45 -18.44 -10.82
N PRO B 179 6.67 -19.04 -11.71
CA PRO B 179 6.71 -18.55 -13.11
C PRO B 179 6.17 -17.12 -13.39
N SER B 180 5.48 -16.49 -12.44
CA SER B 180 5.03 -15.09 -12.59
C SER B 180 6.20 -14.10 -12.40
N ILE B 181 7.34 -14.64 -11.95
CA ILE B 181 8.51 -13.86 -11.71
C ILE B 181 9.52 -14.14 -12.78
N LEU B 182 9.86 -13.09 -13.52
CA LEU B 182 10.80 -13.20 -14.63
C LEU B 182 12.26 -12.99 -14.20
N CYS B 183 12.46 -12.19 -13.15
CA CYS B 183 13.78 -12.02 -12.55
C CYS B 183 13.63 -11.33 -11.23
N VAL B 184 14.73 -11.23 -10.48
CA VAL B 184 14.74 -10.46 -9.26
C VAL B 184 15.80 -9.38 -9.34
N GLY B 185 15.56 -8.27 -8.62
CA GLY B 185 16.55 -7.25 -8.44
C GLY B 185 17.25 -7.41 -7.11
N GLY B 186 18.53 -7.10 -7.11
CA GLY B 186 19.32 -7.12 -5.88
C GLY B 186 20.65 -6.37 -5.91
N SER B 187 21.08 -5.88 -4.76
CA SER B 187 22.36 -5.22 -4.68
C SER B 187 23.43 -6.06 -4.04
N TRP B 188 23.17 -7.31 -3.69
CA TRP B 188 24.15 -8.11 -2.96
C TRP B 188 25.34 -8.46 -3.81
N VAL B 189 25.15 -8.33 -5.12
CA VAL B 189 26.11 -8.67 -6.15
C VAL B 189 27.28 -7.66 -6.28
N VAL B 190 27.03 -6.41 -5.91
CA VAL B 190 28.06 -5.40 -5.83
C VAL B 190 28.11 -4.97 -4.38
N PRO B 191 28.94 -5.65 -3.58
CA PRO B 191 29.00 -5.41 -2.13
C PRO B 191 29.67 -4.10 -1.72
N ALA B 192 29.87 -3.94 -0.41
CA ALA B 192 30.76 -2.92 0.22
C ALA B 192 30.69 -1.54 -0.44
N GLY B 193 31.86 -0.97 -0.74
CA GLY B 193 31.91 0.26 -1.50
C GLY B 193 33.17 0.40 -2.32
N LYS B 194 34.12 -0.55 -2.23
CA LYS B 194 35.27 -0.55 -3.14
C LYS B 194 35.17 -1.78 -4.02
N PRO B 195 35.23 -1.61 -5.36
CA PRO B 195 34.87 -2.75 -6.21
C PRO B 195 35.97 -3.80 -6.29
N ASP B 196 35.59 -5.04 -6.05
CA ASP B 196 36.45 -6.19 -6.15
C ASP B 196 35.98 -6.92 -7.40
N VAL B 197 36.63 -6.67 -8.52
CA VAL B 197 36.22 -7.25 -9.80
C VAL B 197 36.09 -8.78 -9.72
N ALA B 198 36.94 -9.44 -8.94
CA ALA B 198 36.91 -10.92 -8.85
C ALA B 198 35.68 -11.39 -8.11
N LYS B 199 35.44 -10.80 -6.94
CA LYS B 199 34.27 -11.08 -6.11
C LYS B 199 32.95 -10.81 -6.85
N ILE B 200 32.92 -9.72 -7.61
CA ILE B 200 31.69 -9.31 -8.30
C ILE B 200 31.41 -10.32 -9.39
N THR B 201 32.46 -10.68 -10.15
CA THR B 201 32.29 -11.61 -11.24
C THR B 201 31.85 -12.96 -10.73
N ALA B 202 32.40 -13.38 -9.59
CA ALA B 202 32.02 -14.67 -9.01
C ALA B 202 30.56 -14.64 -8.53
N LEU B 203 30.14 -13.55 -7.88
CA LEU B 203 28.77 -13.46 -7.40
C LEU B 203 27.78 -13.37 -8.54
N ALA B 204 28.19 -12.72 -9.63
CA ALA B 204 27.39 -12.64 -10.83
C ALA B 204 27.24 -14.01 -11.57
N LYS B 205 28.31 -14.80 -11.62
CA LYS B 205 28.27 -16.13 -12.21
C LYS B 205 27.28 -16.98 -11.42
N GLU B 206 27.41 -16.92 -10.10
CA GLU B 206 26.55 -17.65 -9.20
C GLU B 206 25.11 -17.31 -9.52
N ALA B 207 24.85 -16.02 -9.66
CA ALA B 207 23.51 -15.51 -9.82
C ALA B 207 22.97 -15.72 -11.22
N SER B 208 23.84 -15.72 -12.23
CA SER B 208 23.37 -15.89 -13.60
C SER B 208 22.98 -17.35 -13.88
N ALA B 209 23.38 -18.27 -12.99
CA ALA B 209 23.03 -19.70 -13.10
C ALA B 209 21.76 -20.12 -12.32
N PHE B 210 21.11 -19.17 -11.65
CA PHE B 210 19.81 -19.43 -11.01
C PHE B 210 18.81 -19.88 -12.07
N LYS B 211 18.13 -20.97 -11.74
CA LYS B 211 17.05 -21.51 -12.57
C LYS B 211 15.81 -20.67 -12.37
N ARG B 212 15.06 -20.49 -13.44
CA ARG B 212 13.76 -19.86 -13.43
C ARG B 212 12.70 -20.77 -14.00
N ALA B 213 11.57 -20.87 -13.33
CA ALA B 213 10.41 -21.51 -13.87
C ALA B 213 9.97 -20.88 -15.19
N ALA B 214 10.04 -19.55 -15.27
CA ALA B 214 9.48 -18.78 -16.40
C ALA B 214 10.18 -19.06 -17.72
N VAL B 215 9.48 -19.01 -18.86
CA VAL B 215 10.14 -19.34 -20.14
C VAL B 215 11.08 -18.19 -20.57
N ALA B 216 12.32 -18.29 -20.10
CA ALA B 216 13.43 -17.42 -20.47
C ALA B 216 14.44 -18.21 -21.27
N ARG C 10 4.71 29.30 9.74
CA ARG C 10 5.64 28.19 10.06
C ARG C 10 5.34 26.98 9.17
N ASP C 11 6.34 26.55 8.39
CA ASP C 11 6.25 25.36 7.54
C ASP C 11 6.36 24.03 8.33
N ILE C 12 6.04 22.91 7.66
CA ILE C 12 5.89 21.62 8.33
C ILE C 12 7.19 21.03 8.84
N ASP C 13 8.28 21.29 8.14
CA ASP C 13 9.57 20.75 8.54
C ASP C 13 9.91 21.33 9.93
N SER C 14 9.67 22.62 10.14
CA SER C 14 9.85 23.25 11.46
C SER C 14 8.99 22.70 12.60
N VAL C 15 7.73 22.42 12.32
CA VAL C 15 6.85 21.80 13.27
C VAL C 15 7.43 20.44 13.69
N MET C 16 7.88 19.66 12.70
CA MET C 16 8.40 18.31 12.98
C MET C 16 9.62 18.36 13.90
N ARG C 17 10.46 19.38 13.75
CA ARG C 17 11.69 19.51 14.55
C ARG C 17 11.46 20.00 15.99
N LEU C 18 10.32 20.63 16.30
CA LEU C 18 10.08 21.19 17.63
C LEU C 18 10.19 20.16 18.71
N ALA C 19 9.72 18.94 18.46
CA ALA C 19 9.68 17.94 19.51
C ALA C 19 9.80 16.55 18.93
N PRO C 20 10.34 15.63 19.72
CA PRO C 20 10.61 14.28 19.18
C PRO C 20 9.39 13.44 18.95
N VAL C 21 8.31 13.78 19.65
CA VAL C 21 7.10 13.00 19.64
C VAL C 21 5.99 13.98 19.44
N MET C 22 5.08 13.60 18.56
CA MET C 22 3.89 14.41 18.25
C MET C 22 2.72 13.61 18.79
N PRO C 23 2.11 14.07 19.90
CA PRO C 23 1.01 13.30 20.42
C PRO C 23 -0.16 13.32 19.50
N VAL C 24 -0.71 12.12 19.33
CA VAL C 24 -1.88 11.94 18.53
C VAL C 24 -3.08 11.83 19.47
N LEU C 25 -3.91 12.85 19.51
CA LEU C 25 -4.98 12.94 20.49
C LEU C 25 -6.33 12.61 19.90
N VAL C 26 -7.08 11.78 20.61
CA VAL C 26 -8.45 11.49 20.25
C VAL C 26 -9.21 12.01 21.44
N ILE C 27 -9.92 13.08 21.26
CA ILE C 27 -10.58 13.70 22.37
C ILE C 27 -12.01 13.20 22.38
N GLU C 28 -12.32 12.44 23.42
CA GLU C 28 -13.61 11.80 23.48
C GLU C 28 -14.61 12.65 24.28
N ASP C 29 -14.09 13.62 25.03
CA ASP C 29 -14.87 14.45 25.91
C ASP C 29 -14.23 15.84 25.91
N ILE C 30 -14.94 16.89 25.51
CA ILE C 30 -14.36 18.25 25.48
C ILE C 30 -13.83 18.73 26.84
N ALA C 31 -14.42 18.28 27.94
CA ALA C 31 -13.85 18.60 29.27
C ALA C 31 -12.35 18.25 29.41
N ASP C 32 -11.89 17.26 28.64
CA ASP C 32 -10.52 16.78 28.73
C ASP C 32 -9.49 17.60 27.92
N ALA C 33 -9.99 18.45 27.00
CA ALA C 33 -9.11 19.17 26.05
C ALA C 33 -8.06 20.08 26.74
N LYS C 34 -8.51 20.99 27.61
CA LYS C 34 -7.61 21.92 28.24
C LYS C 34 -6.60 21.19 29.09
N PRO C 35 -7.05 20.30 30.00
CA PRO C 35 -6.08 19.64 30.87
C PRO C 35 -5.04 18.81 30.10
N ILE C 36 -5.47 18.12 29.06
CA ILE C 36 -4.54 17.34 28.25
C ILE C 36 -3.46 18.25 27.64
N ALA C 37 -3.90 19.33 27.04
CA ALA C 37 -3.02 20.29 26.36
C ALA C 37 -2.08 20.94 27.31
N GLU C 38 -2.60 21.35 28.45
CA GLU C 38 -1.73 21.90 29.50
C GLU C 38 -0.70 20.89 29.95
N ALA C 39 -1.11 19.66 30.15
CA ALA C 39 -0.20 18.65 30.67
C ALA C 39 0.87 18.36 29.64
N LEU C 40 0.49 18.22 28.39
CA LEU C 40 1.49 17.96 27.37
C LEU C 40 2.51 19.10 27.26
N VAL C 41 2.03 20.31 27.35
CA VAL C 41 2.86 21.47 27.14
C VAL C 41 3.82 21.63 28.32
N ALA C 42 3.30 21.52 29.54
CA ALA C 42 4.14 21.42 30.75
C ALA C 42 5.21 20.35 30.61
N GLY C 43 4.90 19.26 29.92
CA GLY C 43 5.85 18.18 29.72
C GLY C 43 6.84 18.36 28.58
N GLY C 44 6.68 19.43 27.79
CA GLY C 44 7.63 19.73 26.74
C GLY C 44 7.25 19.17 25.41
N LEU C 45 6.02 18.72 25.28
CA LEU C 45 5.48 18.37 23.98
C LEU C 45 4.44 19.42 23.49
N ASN C 46 4.94 20.51 22.90
CA ASN C 46 4.10 21.64 22.52
C ASN C 46 3.25 21.39 21.28
N VAL C 47 3.58 20.33 20.52
CA VAL C 47 2.99 20.16 19.22
C VAL C 47 1.94 19.10 19.38
N LEU C 48 0.67 19.48 19.20
CA LEU C 48 -0.47 18.60 19.46
C LEU C 48 -1.23 18.31 18.20
N GLU C 49 -1.42 17.05 17.87
CA GLU C 49 -2.26 16.69 16.76
C GLU C 49 -3.58 16.26 17.31
N VAL C 50 -4.62 17.04 17.07
CA VAL C 50 -5.99 16.65 17.47
C VAL C 50 -6.68 16.01 16.27
N THR C 51 -6.96 14.72 16.36
CA THR C 51 -7.53 14.01 15.25
C THR C 51 -8.95 14.41 15.09
N LEU C 52 -9.41 14.49 13.85
CA LEU C 52 -10.80 14.82 13.56
C LEU C 52 -11.59 13.53 13.48
N ARG C 53 -11.52 12.72 14.52
CA ARG C 53 -12.16 11.43 14.58
C ARG C 53 -13.35 11.41 15.52
N THR C 54 -13.59 12.51 16.21
CA THR C 54 -14.68 12.55 17.12
C THR C 54 -15.49 13.77 16.81
N PRO C 55 -16.77 13.77 17.19
CA PRO C 55 -17.63 14.89 16.82
C PRO C 55 -17.23 16.24 17.51
N CYS C 56 -16.64 16.15 18.67
CA CYS C 56 -16.28 17.36 19.38
C CYS C 56 -14.86 17.88 19.01
N ALA C 57 -14.26 17.42 17.92
CA ALA C 57 -12.83 17.67 17.72
C ALA C 57 -12.50 19.13 17.39
N LEU C 58 -13.31 19.81 16.59
CA LEU C 58 -13.07 21.20 16.28
C LEU C 58 -13.27 22.12 17.47
N GLU C 59 -14.23 21.84 18.35
CA GLU C 59 -14.28 22.54 19.64
C GLU C 59 -13.01 22.32 20.45
N ALA C 60 -12.51 21.09 20.48
CA ALA C 60 -11.36 20.77 21.27
C ALA C 60 -10.21 21.60 20.76
N ILE C 61 -10.08 21.71 19.46
CA ILE C 61 -9.00 22.43 18.87
C ILE C 61 -9.07 23.87 19.32
N LYS C 62 -10.24 24.48 19.24
CA LYS C 62 -10.45 25.86 19.67
C LYS C 62 -10.07 26.10 21.11
N ILE C 63 -10.22 25.08 21.94
CA ILE C 63 -9.86 25.17 23.33
C ILE C 63 -8.37 25.06 23.49
N MET C 64 -7.74 24.06 22.87
CA MET C 64 -6.33 23.82 23.05
C MET C 64 -5.51 24.99 22.49
N LYS C 65 -6.02 25.57 21.42
CA LYS C 65 -5.45 26.73 20.77
C LYS C 65 -5.30 27.92 21.77
N GLU C 66 -6.23 28.06 22.71
CA GLU C 66 -6.12 29.07 23.78
C GLU C 66 -5.02 28.74 24.81
N VAL C 67 -4.52 27.50 24.86
CA VAL C 67 -3.49 27.11 25.82
C VAL C 67 -2.14 27.68 25.44
N PRO C 68 -1.51 28.42 26.37
CA PRO C 68 -0.26 29.03 25.94
C PRO C 68 0.80 27.96 25.75
N GLY C 69 1.58 28.10 24.68
CA GLY C 69 2.66 27.16 24.38
C GLY C 69 2.22 26.02 23.54
N ALA C 70 0.94 25.94 23.23
CA ALA C 70 0.44 24.88 22.37
C ALA C 70 0.56 25.21 20.89
N VAL C 71 1.11 24.28 20.10
CA VAL C 71 1.05 24.34 18.66
C VAL C 71 0.09 23.25 18.25
N VAL C 72 -1.11 23.66 17.87
CA VAL C 72 -2.19 22.72 17.65
C VAL C 72 -2.39 22.48 16.18
N GLY C 73 -2.46 21.22 15.82
CA GLY C 73 -2.80 20.82 14.49
C GLY C 73 -4.00 19.91 14.49
N ALA C 74 -4.50 19.61 13.28
CA ALA C 74 -5.56 18.66 13.08
C ALA C 74 -4.99 17.42 12.42
N GLY C 75 -5.43 16.27 12.90
CA GLY C 75 -5.16 15.03 12.26
C GLY C 75 -6.41 14.51 11.60
N THR C 76 -6.24 13.46 10.81
CA THR C 76 -7.32 12.72 10.21
C THR C 76 -8.11 13.64 9.32
N VAL C 77 -7.33 14.45 8.60
CA VAL C 77 -7.84 15.34 7.62
C VAL C 77 -7.97 14.59 6.32
N LEU C 78 -9.18 14.24 5.92
CA LEU C 78 -9.38 13.33 4.80
C LEU C 78 -9.54 14.05 3.49
N ASN C 79 -9.89 15.33 3.56
CA ASN C 79 -10.12 16.08 2.33
C ASN C 79 -10.03 17.56 2.54
N ALA C 80 -10.19 18.28 1.45
CA ALA C 80 -10.02 19.72 1.38
C ALA C 80 -10.99 20.45 2.25
N LYS C 81 -12.23 19.98 2.26
CA LYS C 81 -13.26 20.50 3.15
C LYS C 81 -12.80 20.47 4.60
N MET C 82 -12.28 19.33 5.06
CA MET C 82 -11.92 19.17 6.45
C MET C 82 -10.71 20.04 6.76
N LEU C 83 -9.79 20.14 5.80
CA LEU C 83 -8.66 21.01 5.94
C LEU C 83 -9.10 22.45 6.13
N ASP C 84 -10.03 22.92 5.32
CA ASP C 84 -10.51 24.28 5.41
C ASP C 84 -11.16 24.51 6.75
N GLN C 85 -11.96 23.56 7.24
CA GLN C 85 -12.60 23.68 8.56
C GLN C 85 -11.57 23.70 9.66
N ALA C 86 -10.61 22.81 9.61
CA ALA C 86 -9.57 22.80 10.62
C ALA C 86 -8.83 24.11 10.61
N GLN C 87 -8.57 24.67 9.42
CA GLN C 87 -7.88 25.95 9.30
C GLN C 87 -8.66 27.06 9.98
N GLU C 88 -9.92 27.23 9.59
CA GLU C 88 -10.85 28.21 10.19
C GLU C 88 -10.81 28.15 11.69
N ALA C 89 -10.82 26.92 12.22
CA ALA C 89 -10.78 26.68 13.67
C ALA C 89 -9.44 27.10 14.36
N GLY C 90 -8.38 27.38 13.58
CA GLY C 90 -7.11 27.87 14.08
C GLY C 90 -5.92 26.92 14.02
N CYS C 91 -6.09 25.74 13.42
CA CYS C 91 -4.96 24.82 13.26
C CYS C 91 -3.75 25.44 12.52
N GLU C 92 -2.57 25.11 13.00
CA GLU C 92 -1.33 25.57 12.44
C GLU C 92 -0.72 24.60 11.49
N PHE C 93 -1.08 23.32 11.60
CA PHE C 93 -0.62 22.30 10.63
C PHE C 93 -1.67 21.18 10.55
N PHE C 94 -1.55 20.33 9.54
CA PHE C 94 -2.58 19.34 9.22
C PHE C 94 -1.93 18.01 8.95
N VAL C 95 -2.49 16.96 9.52
CA VAL C 95 -1.98 15.63 9.28
C VAL C 95 -3.09 14.83 8.64
N SER C 96 -2.74 14.00 7.67
CA SER C 96 -3.68 13.07 7.09
C SER C 96 -3.08 11.69 7.07
N PRO C 97 -3.93 10.67 7.14
CA PRO C 97 -3.44 9.29 7.14
C PRO C 97 -2.87 8.84 5.80
N GLY C 98 -3.34 9.44 4.74
CA GLY C 98 -2.86 9.18 3.42
C GLY C 98 -2.86 10.47 2.61
N LEU C 99 -2.51 10.35 1.33
CA LEU C 99 -2.47 11.51 0.46
C LEU C 99 -3.31 11.31 -0.78
N THR C 100 -4.16 12.28 -1.12
CA THR C 100 -4.78 12.29 -2.40
C THR C 100 -4.28 13.48 -3.12
N ALA C 101 -4.35 13.44 -4.44
CA ALA C 101 -3.91 14.53 -5.26
C ALA C 101 -4.72 15.76 -4.87
N ASP C 102 -6.02 15.60 -4.69
CA ASP C 102 -6.87 16.71 -4.28
C ASP C 102 -6.45 17.38 -2.96
N LEU C 103 -6.23 16.59 -1.93
CA LEU C 103 -5.92 17.16 -0.68
C LEU C 103 -4.58 17.89 -0.81
N GLY C 104 -3.62 17.23 -1.44
CA GLY C 104 -2.33 17.83 -1.68
C GLY C 104 -2.35 19.14 -2.45
N LYS C 105 -3.03 19.16 -3.58
CA LYS C 105 -3.08 20.34 -4.42
C LYS C 105 -3.63 21.50 -3.62
N HIS C 106 -4.63 21.19 -2.81
CA HIS C 106 -5.33 22.19 -2.01
C HIS C 106 -4.44 22.71 -0.90
N ALA C 107 -3.79 21.83 -0.18
CA ALA C 107 -2.86 22.26 0.82
C ALA C 107 -1.81 23.18 0.22
N VAL C 108 -1.22 22.79 -0.90
CA VAL C 108 -0.17 23.57 -1.52
C VAL C 108 -0.71 24.94 -1.91
N ALA C 109 -1.82 24.94 -2.63
CA ALA C 109 -2.52 26.18 -3.02
C ALA C 109 -2.79 27.12 -1.85
N GLN C 110 -3.20 26.55 -0.72
CA GLN C 110 -3.57 27.28 0.50
C GLN C 110 -2.37 27.61 1.39
N LYS C 111 -1.15 27.27 0.96
CA LYS C 111 0.05 27.38 1.83
C LYS C 111 -0.11 26.69 3.22
N ALA C 112 -0.81 25.57 3.28
CA ALA C 112 -1.10 24.91 4.54
C ALA C 112 -0.03 23.90 4.83
N ALA C 113 0.43 23.90 6.05
CA ALA C 113 1.44 22.98 6.46
C ALA C 113 0.81 21.61 6.63
N LEU C 114 0.80 20.83 5.56
CA LEU C 114 0.26 19.47 5.53
C LEU C 114 1.37 18.49 5.67
N LEU C 115 1.12 17.52 6.55
CA LEU C 115 1.98 16.37 6.77
C LEU C 115 1.19 15.12 6.38
N PRO C 116 1.28 14.70 5.12
CA PRO C 116 0.40 13.60 4.75
C PRO C 116 1.00 12.22 4.95
N GLY C 117 0.13 11.26 5.14
CA GLY C 117 0.51 9.87 5.28
C GLY C 117 0.94 9.22 3.98
N VAL C 118 2.00 8.44 4.07
CA VAL C 118 2.42 7.57 2.98
C VAL C 118 2.58 6.14 3.47
N ALA C 119 2.32 5.20 2.57
CA ALA C 119 2.55 3.77 2.91
C ALA C 119 3.42 3.07 1.92
N ASN C 120 3.66 3.67 0.77
CA ASN C 120 4.50 3.03 -0.21
C ASN C 120 5.08 4.08 -1.17
N ALA C 121 5.85 3.62 -2.15
CA ALA C 121 6.58 4.55 -2.99
C ALA C 121 5.67 5.41 -3.83
N ALA C 122 4.55 4.86 -4.27
CA ALA C 122 3.68 5.64 -5.13
C ALA C 122 3.11 6.84 -4.40
N ASP C 123 2.87 6.64 -3.11
CA ASP C 123 2.38 7.69 -2.28
C ASP C 123 3.45 8.80 -2.21
N VAL C 124 4.70 8.42 -1.97
CA VAL C 124 5.74 9.41 -1.80
C VAL C 124 5.94 10.12 -3.10
N MET C 125 5.93 9.37 -4.16
CA MET C 125 6.11 9.94 -5.48
C MET C 125 5.05 10.97 -5.82
N LEU C 126 3.81 10.71 -5.45
CA LEU C 126 2.73 11.67 -5.68
C LEU C 126 3.01 12.92 -4.86
N GLY C 127 3.41 12.71 -3.63
CA GLY C 127 3.80 13.81 -2.76
C GLY C 127 4.86 14.67 -3.43
N LEU C 128 5.92 14.03 -3.90
CA LEU C 128 7.04 14.74 -4.48
C LEU C 128 6.56 15.50 -5.66
N ASP C 129 5.68 14.93 -6.46
CA ASP C 129 5.17 15.64 -7.65
C ASP C 129 4.42 16.92 -7.34
N LEU C 130 3.90 17.01 -6.14
CA LEU C 130 3.11 18.14 -5.70
C LEU C 130 3.98 19.15 -5.00
N GLY C 131 5.23 18.81 -4.75
CA GLY C 131 6.17 19.70 -4.09
C GLY C 131 6.37 19.40 -2.63
N LEU C 132 5.82 18.30 -2.13
CA LEU C 132 5.92 17.97 -0.74
C LEU C 132 7.07 17.01 -0.52
N ASP C 133 7.83 17.20 0.56
CA ASP C 133 8.89 16.27 0.88
C ASP C 133 8.97 15.87 2.36
N ARG C 134 7.89 16.00 3.10
CA ARG C 134 7.83 15.53 4.48
C ARG C 134 6.57 14.74 4.59
N PHE C 135 6.70 13.49 5.04
CA PHE C 135 5.57 12.58 5.08
C PHE C 135 5.49 11.87 6.39
N LYS C 136 4.28 11.44 6.74
CA LYS C 136 3.96 10.62 7.89
C LYS C 136 3.93 9.20 7.35
N PHE C 137 4.60 8.27 7.98
CA PHE C 137 4.66 6.90 7.49
C PHE C 137 3.66 6.14 8.34
N PHE C 138 2.56 5.70 7.74
CA PHE C 138 1.43 5.31 8.53
C PHE C 138 0.65 4.20 7.90
N PRO C 139 0.15 3.27 8.70
CA PRO C 139 0.46 2.99 10.10
C PRO C 139 1.72 2.13 10.23
N ALA C 140 2.78 2.74 10.75
CA ALA C 140 4.15 2.27 10.61
C ALA C 140 4.33 0.81 10.95
N GLU C 141 3.88 0.39 12.13
CA GLU C 141 4.20 -0.93 12.60
C GLU C 141 3.43 -1.97 11.85
N ASN C 142 2.35 -1.59 11.17
CA ASN C 142 1.58 -2.57 10.39
C ASN C 142 1.98 -2.63 8.92
N ILE C 143 2.82 -1.73 8.43
CA ILE C 143 3.20 -1.77 7.02
C ILE C 143 4.67 -1.98 6.85
N GLY C 144 5.34 -2.66 7.77
CA GLY C 144 6.77 -2.98 7.61
C GLY C 144 7.73 -2.41 8.65
N GLY C 145 7.28 -1.43 9.44
CA GLY C 145 8.09 -0.86 10.50
C GLY C 145 9.36 -0.17 10.02
N LEU C 146 10.36 -0.13 10.89
CA LEU C 146 11.58 0.60 10.60
C LEU C 146 12.24 0.03 9.35
N PRO C 147 12.34 -1.29 9.22
CA PRO C 147 12.88 -1.87 8.01
C PRO C 147 12.26 -1.35 6.73
N ALA C 148 10.94 -1.23 6.69
CA ALA C 148 10.29 -0.74 5.49
C ALA C 148 10.64 0.73 5.32
N LEU C 149 10.71 1.46 6.42
CA LEU C 149 10.94 2.88 6.32
C LEU C 149 12.33 3.14 5.82
N LYS C 150 13.29 2.38 6.31
CA LYS C 150 14.68 2.46 5.82
C LYS C 150 14.75 2.24 4.33
N SER C 151 14.02 1.24 3.83
CA SER C 151 14.02 0.97 2.41
C SER C 151 13.54 2.19 1.63
N MET C 152 12.50 2.86 2.14
CA MET C 152 11.97 4.07 1.48
C MET C 152 12.96 5.21 1.56
N ALA C 153 13.52 5.39 2.74
CA ALA C 153 14.41 6.47 2.98
C ALA C 153 15.61 6.36 2.08
N SER C 154 16.04 5.16 1.75
CA SER C 154 17.26 5.03 1.00
C SER C 154 16.99 5.26 -0.49
N VAL C 155 15.74 5.11 -0.88
CA VAL C 155 15.33 5.48 -2.24
C VAL C 155 15.01 6.98 -2.41
N PHE C 156 14.34 7.58 -1.43
CA PHE C 156 13.94 8.97 -1.42
C PHE C 156 14.81 9.70 -0.41
N ARG C 157 15.96 10.13 -0.89
CA ARG C 157 17.03 10.62 -0.05
C ARG C 157 16.69 12.02 0.47
N GLN C 158 15.91 12.75 -0.31
CA GLN C 158 15.53 14.15 0.01
C GLN C 158 14.33 14.27 0.99
N VAL C 159 13.70 13.15 1.32
CA VAL C 159 12.49 13.12 2.05
C VAL C 159 12.77 12.82 3.53
N ARG C 160 11.95 13.37 4.41
CA ARG C 160 12.00 13.08 5.84
C ARG C 160 10.64 12.62 6.39
N PHE C 161 10.63 11.86 7.47
CA PHE C 161 9.43 11.15 7.87
C PHE C 161 9.07 11.38 9.31
N CYS C 162 7.80 11.25 9.60
CA CYS C 162 7.35 10.98 10.94
C CYS C 162 6.55 9.67 10.91
N PRO C 163 7.13 8.58 11.40
CA PRO C 163 6.35 7.40 11.55
C PRO C 163 5.33 7.50 12.68
N THR C 164 4.10 7.07 12.39
CA THR C 164 3.06 6.89 13.37
C THR C 164 2.38 5.57 13.14
N GLY C 165 1.91 4.94 14.21
CA GLY C 165 1.13 3.72 14.12
C GLY C 165 1.86 2.58 14.82
N GLY C 166 1.45 2.33 16.06
CA GLY C 166 1.98 1.24 16.84
C GLY C 166 3.32 1.50 17.52
N ILE C 167 3.75 2.73 17.50
CA ILE C 167 5.00 3.08 18.10
C ILE C 167 4.83 3.27 19.57
N THR C 168 5.84 2.88 20.32
CA THR C 168 5.76 2.82 21.79
C THR C 168 6.94 3.53 22.39
N PRO C 169 6.93 3.72 23.68
CA PRO C 169 8.14 4.27 24.24
C PRO C 169 9.37 3.41 23.96
N ALA C 170 9.20 2.11 23.83
CA ALA C 170 10.36 1.20 23.60
C ALA C 170 10.90 1.29 22.16
N SER C 171 10.02 1.42 21.17
CA SER C 171 10.46 1.45 19.81
C SER C 171 10.82 2.88 19.32
N ALA C 172 10.28 3.94 19.95
CA ALA C 172 10.46 5.31 19.46
C ALA C 172 11.91 5.70 19.34
N PRO C 173 12.74 5.35 20.32
CA PRO C 173 14.12 5.77 20.11
C PRO C 173 14.81 5.10 18.94
N LYS C 174 14.45 3.86 18.57
CA LYS C 174 15.05 3.19 17.41
C LYS C 174 14.71 3.94 16.15
N TYR C 175 13.47 4.41 16.04
CA TYR C 175 13.09 5.18 14.87
C TYR C 175 13.85 6.51 14.84
N LEU C 176 14.01 7.12 16.02
CA LEU C 176 14.60 8.44 16.11
C LEU C 176 16.12 8.46 15.91
N GLU C 177 16.76 7.29 15.99
CA GLU C 177 18.16 7.11 15.65
C GLU C 177 18.41 7.23 14.16
N ASN C 178 17.37 7.11 13.34
CA ASN C 178 17.52 7.21 11.90
C ASN C 178 17.37 8.65 11.51
N PRO C 179 18.36 9.21 10.78
CA PRO C 179 18.30 10.67 10.52
C PRO C 179 17.27 11.10 9.47
N SER C 180 16.67 10.15 8.76
CA SER C 180 15.50 10.45 7.92
C SER C 180 14.21 10.68 8.74
N ILE C 181 14.24 10.38 10.02
CA ILE C 181 13.06 10.54 10.83
C ILE C 181 13.22 11.75 11.72
N LEU C 182 12.33 12.74 11.62
CA LEU C 182 12.41 13.95 12.41
C LEU C 182 11.70 13.80 13.77
N CYS C 183 10.67 12.98 13.81
CA CYS C 183 9.90 12.75 15.03
C CYS C 183 8.97 11.57 14.81
N VAL C 184 8.36 11.11 15.90
CA VAL C 184 7.38 10.07 15.78
C VAL C 184 6.07 10.55 16.34
N GLY C 185 4.99 10.00 15.83
CA GLY C 185 3.70 10.19 16.43
C GLY C 185 3.30 9.01 17.31
N GLY C 186 2.58 9.32 18.37
CA GLY C 186 2.09 8.28 19.26
C GLY C 186 0.97 8.73 20.16
N SER C 187 0.13 7.77 20.55
CA SER C 187 -0.88 8.08 21.51
C SER C 187 -0.57 7.60 22.89
N TRP C 188 0.58 6.99 23.16
CA TRP C 188 0.81 6.33 24.45
C TRP C 188 0.89 7.33 25.59
N VAL C 189 1.14 8.56 25.22
CA VAL C 189 1.37 9.68 26.11
C VAL C 189 0.09 10.21 26.74
N VAL C 190 -1.05 10.03 26.09
CA VAL C 190 -2.35 10.31 26.68
C VAL C 190 -3.09 9.00 26.73
N PRO C 191 -2.91 8.28 27.84
CA PRO C 191 -3.45 6.90 27.95
C PRO C 191 -4.96 6.83 28.11
N ALA C 192 -5.46 5.61 28.34
CA ALA C 192 -6.84 5.31 28.84
C ALA C 192 -7.93 6.19 28.20
N GLY C 193 -8.76 6.79 29.04
CA GLY C 193 -9.74 7.74 28.58
C GLY C 193 -10.13 8.75 29.63
N LYS C 194 -9.55 8.69 30.83
CA LYS C 194 -9.71 9.75 31.82
C LYS C 194 -8.36 10.41 32.05
N PRO C 195 -8.24 11.75 31.91
CA PRO C 195 -6.91 12.35 31.93
C PRO C 195 -6.32 12.47 33.33
N ASP C 196 -5.09 11.99 33.47
CA ASP C 196 -4.32 12.09 34.68
C ASP C 196 -3.22 13.09 34.38
N VAL C 197 -3.43 14.35 34.73
CA VAL C 197 -2.50 15.42 34.35
C VAL C 197 -1.06 15.09 34.79
N ALA C 198 -0.90 14.42 35.92
CA ALA C 198 0.43 14.11 36.43
C ALA C 198 1.12 13.07 35.55
N LYS C 199 0.42 11.97 35.27
CA LYS C 199 0.89 10.88 34.40
C LYS C 199 1.24 11.40 33.00
N ILE C 200 0.41 12.31 32.49
CA ILE C 200 0.57 12.80 31.15
C ILE C 200 1.83 13.65 31.11
N THR C 201 1.97 14.53 32.09
CA THR C 201 3.11 15.42 32.11
C THR C 201 4.40 14.62 32.27
N ALA C 202 4.36 13.58 33.07
CA ALA C 202 5.56 12.78 33.26
C ALA C 202 5.91 12.02 32.02
N LEU C 203 4.91 11.47 31.34
CA LEU C 203 5.18 10.71 30.11
C LEU C 203 5.70 11.63 29.02
N ALA C 204 5.20 12.86 29.04
CA ALA C 204 5.62 13.87 28.05
C ALA C 204 7.09 14.34 28.29
N LYS C 205 7.48 14.47 29.56
CA LYS C 205 8.85 14.84 29.90
C LYS C 205 9.77 13.77 29.39
N GLU C 206 9.40 12.56 29.67
CA GLU C 206 10.16 11.39 29.30
C GLU C 206 10.35 11.36 27.78
N ALA C 207 9.27 11.64 27.06
CA ALA C 207 9.28 11.58 25.61
C ALA C 207 9.99 12.78 24.99
N SER C 208 9.92 13.92 25.66
CA SER C 208 10.53 15.11 25.11
C SER C 208 12.04 15.02 25.17
N ALA C 209 12.55 14.07 25.96
CA ALA C 209 14.01 13.89 26.14
C ALA C 209 14.63 12.80 25.26
N PHE C 210 13.83 12.20 24.40
CA PHE C 210 14.35 11.31 23.35
C PHE C 210 15.34 12.03 22.43
N LYS C 211 16.50 11.40 22.23
CA LYS C 211 17.52 11.90 21.32
C LYS C 211 17.08 11.58 19.91
N ARG C 212 17.42 12.48 18.98
CA ARG C 212 17.22 12.27 17.55
C ARG C 212 18.49 12.48 16.76
N ALA C 213 18.81 11.56 15.88
CA ALA C 213 19.92 11.75 14.96
C ALA C 213 19.78 13.03 14.13
N ALA C 214 18.54 13.35 13.74
CA ALA C 214 18.27 14.48 12.83
C ALA C 214 18.39 15.87 13.46
N VAL C 215 18.42 15.95 14.79
CA VAL C 215 18.29 17.21 15.50
C VAL C 215 18.84 17.12 16.95
S SO4 D . -11.29 -9.90 -6.00
O1 SO4 D . -10.08 -10.24 -6.82
O2 SO4 D . -12.05 -11.18 -5.87
O3 SO4 D . -12.07 -8.86 -6.73
O4 SO4 D . -10.99 -9.36 -4.63
S SO4 E . -8.16 -17.00 -0.16
O1 SO4 E . -7.94 -17.77 -1.41
O2 SO4 E . -7.01 -17.34 0.75
O3 SO4 E . -9.52 -17.32 0.38
O4 SO4 E . -8.16 -15.55 -0.52
S SO4 F . 14.30 1.94 -7.85
O1 SO4 F . 15.18 2.64 -6.86
O2 SO4 F . 14.11 0.45 -7.60
O3 SO4 F . 15.00 2.21 -9.12
O4 SO4 F . 13.00 2.58 -8.04
S SO4 G . 18.24 -4.36 -1.68
O1 SO4 G . 18.98 -3.75 -0.55
O2 SO4 G . 17.10 -4.80 -0.85
O3 SO4 G . 19.08 -5.48 -2.26
O4 SO4 G . 17.81 -3.48 -2.85
S SO4 H . 4.79 -16.35 -19.66
O1 SO4 H . 3.51 -17.13 -19.67
O2 SO4 H . 5.32 -16.14 -18.28
O3 SO4 H . 4.49 -15.13 -20.45
O4 SO4 H . 6.01 -17.09 -20.11
S SO4 I . -1.52 3.45 -3.65
O1 SO4 I . -2.32 2.18 -3.43
O2 SO4 I . -0.05 3.15 -3.84
O3 SO4 I . -1.60 4.24 -2.40
O4 SO4 I . -2.04 4.27 -4.79
S SO4 J . -3.89 10.77 11.12
O1 SO4 J . -5.02 10.47 12.07
O2 SO4 J . -2.49 10.46 11.59
O3 SO4 J . -4.07 12.14 10.63
O4 SO4 J . -4.04 9.86 9.97
S SO4 K . -0.89 4.43 17.99
O1 SO4 K . -2.13 4.18 18.73
O2 SO4 K . -0.81 3.13 17.29
O3 SO4 K . 0.31 4.71 18.84
O4 SO4 K . -0.99 5.62 17.08
#